data_1S4K
#
_entry.id   1S4K
#
_cell.length_a   85.596
_cell.length_b   90.258
_cell.length_c   78.669
_cell.angle_alpha   90.00
_cell.angle_beta   90.00
_cell.angle_gamma   90.00
#
_symmetry.space_group_name_H-M   'C 2 2 21'
#
loop_
_entity.id
_entity.type
_entity.pdbx_description
1 polymer 'putative cytoplasmic protein ydil'
2 water water
#
_entity_poly.entity_id   1
_entity_poly.type   'polypeptide(L)'
_entity_poly.pdbx_seq_one_letter_code
;A(MSE)(MSE)NALELQALRRIFD(MSE)TIEECTIYITQDNNSATWQRWEAGDIPISPEIIARLKE(MSE)KARRQRRI
NAIVDKINNRIGNNT(MSE)RYFPDLSSFQSIYTEGDFIEWKIYQSVAAELFAHDLERLC
;
_entity_poly.pdbx_strand_id   A,B
#
# COMPACT_ATOMS: atom_id res chain seq x y z
N ALA A 1 -11.97 4.95 -19.51
CA ALA A 1 -11.32 6.28 -19.29
C ALA A 1 -9.81 6.14 -19.08
N ASN A 4 -5.58 8.42 -15.00
CA ASN A 4 -5.32 9.82 -14.65
C ASN A 4 -4.19 10.01 -13.64
N ALA A 5 -3.96 11.26 -13.27
CA ALA A 5 -2.90 11.62 -12.34
C ALA A 5 -3.05 11.02 -10.96
N LEU A 6 -4.27 10.97 -10.44
CA LEU A 6 -4.52 10.41 -9.12
C LEU A 6 -4.21 8.92 -9.08
N GLU A 7 -4.60 8.21 -10.14
CA GLU A 7 -4.36 6.78 -10.21
C GLU A 7 -2.86 6.48 -10.30
N LEU A 8 -2.11 7.38 -10.91
CA LEU A 8 -0.67 7.21 -11.02
C LEU A 8 -0.10 7.29 -9.61
N GLN A 9 -0.49 8.33 -8.88
CA GLN A 9 -0.03 8.50 -7.50
C GLN A 9 -0.40 7.28 -6.66
N ALA A 10 -1.60 6.77 -6.86
CA ALA A 10 -2.06 5.61 -6.10
C ALA A 10 -1.19 4.38 -6.38
N LEU A 11 -0.85 4.17 -7.65
CA LEU A 11 -0.03 3.02 -8.01
C LEU A 11 1.34 3.10 -7.38
N ARG A 12 1.90 4.31 -7.36
CA ARG A 12 3.20 4.51 -6.78
C ARG A 12 3.17 4.10 -5.30
N ARG A 13 2.08 4.44 -4.60
CA ARG A 13 1.96 4.07 -3.19
C ARG A 13 1.67 2.59 -3.02
N ILE A 14 0.86 2.01 -3.91
CA ILE A 14 0.55 0.59 -3.84
C ILE A 14 1.85 -0.22 -3.94
N PHE A 15 2.77 0.25 -4.77
CA PHE A 15 4.04 -0.44 -4.95
C PHE A 15 5.16 0.12 -4.08
N ASP A 16 4.80 1.04 -3.21
CA ASP A 16 5.75 1.65 -2.29
C ASP A 16 7.02 2.14 -2.98
N THR A 18 9.26 5.55 -4.76
CA THR A 18 9.44 7.00 -4.78
C THR A 18 9.41 7.41 -6.24
N ILE A 19 9.17 8.69 -6.50
CA ILE A 19 9.14 9.15 -7.88
C ILE A 19 10.48 8.80 -8.53
N GLU A 20 11.56 8.99 -7.79
CA GLU A 20 12.88 8.68 -8.31
C GLU A 20 12.95 7.21 -8.77
N GLU A 21 12.44 6.30 -7.94
CA GLU A 21 12.47 4.88 -8.31
C GLU A 21 11.61 4.62 -9.54
N CYS A 22 10.54 5.38 -9.71
CA CYS A 22 9.69 5.19 -10.88
C CYS A 22 10.41 5.61 -12.14
N THR A 23 11.22 6.66 -12.07
CA THR A 23 11.96 7.14 -13.24
C THR A 23 13.13 6.24 -13.58
N ILE A 24 13.59 5.47 -12.60
CA ILE A 24 14.69 4.55 -12.83
C ILE A 24 14.19 3.24 -13.42
N TYR A 25 13.15 2.69 -12.81
CA TYR A 25 12.62 1.39 -13.21
C TYR A 25 11.40 1.33 -14.14
N ILE A 26 10.59 2.37 -14.16
CA ILE A 26 9.41 2.34 -15.02
C ILE A 26 9.61 3.12 -16.33
N THR A 27 9.99 4.39 -16.24
CA THR A 27 10.23 5.17 -17.46
C THR A 27 11.68 4.95 -17.92
N GLN A 28 12.52 4.49 -17.01
CA GLN A 28 13.92 4.20 -17.30
C GLN A 28 14.69 5.34 -17.97
N ASP A 29 14.49 6.56 -17.48
CA ASP A 29 15.17 7.71 -18.04
C ASP A 29 15.53 8.73 -16.97
N ASN A 30 15.25 8.41 -15.71
CA ASN A 30 15.57 9.30 -14.60
C ASN A 30 14.88 10.67 -14.70
N ASN A 31 13.87 10.78 -15.56
CA ASN A 31 13.20 12.07 -15.70
C ASN A 31 12.09 12.32 -14.69
N SER A 32 12.48 12.79 -13.50
CA SER A 32 11.52 13.07 -12.43
C SER A 32 10.63 14.27 -12.73
N ALA A 33 11.15 15.21 -13.51
CA ALA A 33 10.38 16.40 -13.84
C ALA A 33 9.10 16.00 -14.57
N THR A 34 9.24 15.16 -15.59
CA THR A 34 8.08 14.72 -16.36
C THR A 34 7.12 13.90 -15.50
N TRP A 35 7.66 13.02 -14.66
CA TRP A 35 6.80 12.21 -13.82
C TRP A 35 5.98 13.11 -12.88
N GLN A 36 6.60 14.15 -12.34
CA GLN A 36 5.85 15.02 -11.45
C GLN A 36 4.76 15.76 -12.20
N ARG A 37 5.03 16.12 -13.46
CA ARG A 37 4.02 16.81 -14.27
C ARG A 37 2.83 15.88 -14.46
N TRP A 38 3.09 14.59 -14.59
CA TRP A 38 2.02 13.61 -14.75
C TRP A 38 1.17 13.52 -13.50
N GLU A 39 1.82 13.45 -12.34
CA GLU A 39 1.09 13.34 -11.07
C GLU A 39 0.38 14.65 -10.72
N ALA A 40 0.84 15.75 -11.30
CA ALA A 40 0.24 17.06 -11.07
C ALA A 40 -0.90 17.28 -12.05
N GLY A 41 -0.99 16.40 -13.05
CA GLY A 41 -2.03 16.51 -14.04
C GLY A 41 -1.80 17.62 -15.05
N ASP A 42 -0.58 18.14 -15.12
CA ASP A 42 -0.27 19.21 -16.07
C ASP A 42 -0.35 18.69 -17.51
N ILE A 43 0.01 17.42 -17.68
CA ILE A 43 -0.04 16.79 -18.99
C ILE A 43 -0.40 15.33 -18.81
N PRO A 44 -1.05 14.74 -19.83
CA PRO A 44 -1.46 13.33 -19.75
C PRO A 44 -0.27 12.38 -19.68
N ILE A 45 -0.50 11.23 -19.06
CA ILE A 45 0.54 10.22 -18.92
C ILE A 45 0.81 9.58 -20.28
N SER A 46 2.08 9.30 -20.55
CA SER A 46 2.45 8.67 -21.81
C SER A 46 1.73 7.33 -21.92
N PRO A 47 1.05 7.07 -23.05
CA PRO A 47 0.32 5.81 -23.24
C PRO A 47 1.18 4.58 -23.03
N GLU A 48 2.45 4.68 -23.40
CA GLU A 48 3.40 3.58 -23.26
C GLU A 48 3.61 3.26 -21.77
N ILE A 49 3.65 4.29 -20.95
CA ILE A 49 3.86 4.10 -19.51
C ILE A 49 2.60 3.55 -18.86
N ILE A 50 1.44 4.01 -19.32
CA ILE A 50 0.18 3.53 -18.80
C ILE A 50 0.16 2.01 -18.99
N ALA A 51 0.56 1.57 -20.19
CA ALA A 51 0.62 0.15 -20.50
C ALA A 51 1.54 -0.59 -19.54
N ARG A 52 2.72 -0.02 -19.27
CA ARG A 52 3.69 -0.64 -18.34
C ARG A 52 3.05 -0.79 -16.96
N LEU A 53 2.41 0.27 -16.49
CA LEU A 53 1.78 0.27 -15.18
C LEU A 53 0.65 -0.74 -15.11
N LYS A 54 -0.13 -0.82 -16.18
CA LYS A 54 -1.23 -1.77 -16.20
C LYS A 54 -0.71 -3.20 -16.14
N GLU A 55 0.44 -3.47 -16.75
CA GLU A 55 0.98 -4.82 -16.72
C GLU A 55 1.48 -5.13 -15.31
N LYS A 57 0.06 -3.94 -12.58
CA LYS A 57 -1.16 -4.22 -11.82
C LYS A 57 -1.59 -5.66 -12.08
N ALA A 58 -1.52 -6.07 -13.35
CA ALA A 58 -1.91 -7.42 -13.73
C ALA A 58 -1.01 -8.48 -13.08
N ARG A 59 0.30 -8.23 -13.08
CA ARG A 59 1.23 -9.18 -12.45
C ARG A 59 0.92 -9.29 -10.97
N ARG A 60 0.63 -8.15 -10.34
CA ARG A 60 0.31 -8.11 -8.92
C ARG A 60 -0.93 -8.93 -8.61
N GLN A 61 -1.98 -8.76 -9.41
CA GLN A 61 -3.23 -9.50 -9.20
C GLN A 61 -3.03 -11.00 -9.36
N ARG A 62 -2.28 -11.40 -10.38
CA ARG A 62 -2.02 -12.82 -10.63
C ARG A 62 -1.26 -13.40 -9.45
N ARG A 63 -0.32 -12.63 -8.89
CA ARG A 63 0.44 -13.11 -7.76
C ARG A 63 -0.47 -13.34 -6.56
N ILE A 64 -1.34 -12.36 -6.30
CA ILE A 64 -2.29 -12.47 -5.20
C ILE A 64 -3.24 -13.65 -5.41
N ASN A 65 -3.75 -13.79 -6.63
CA ASN A 65 -4.66 -14.89 -6.93
C ASN A 65 -4.00 -16.24 -6.70
N ALA A 66 -2.77 -16.39 -7.17
CA ALA A 66 -2.04 -17.65 -7.03
C ALA A 66 -1.85 -18.05 -5.57
N ILE A 67 -1.45 -17.10 -4.73
CA ILE A 67 -1.24 -17.37 -3.32
C ILE A 67 -2.54 -17.67 -2.59
N VAL A 68 -3.56 -16.86 -2.84
CA VAL A 68 -4.86 -17.06 -2.21
C VAL A 68 -5.44 -18.43 -2.59
N ASP A 69 -5.21 -18.82 -3.84
CA ASP A 69 -5.69 -20.11 -4.35
C ASP A 69 -5.09 -21.26 -3.53
N LYS A 70 -3.84 -21.10 -3.12
CA LYS A 70 -3.16 -22.14 -2.33
C LYS A 70 -3.60 -22.11 -0.86
N ILE A 71 -3.98 -20.94 -0.37
CA ILE A 71 -4.39 -20.79 1.02
C ILE A 71 -5.70 -21.50 1.31
N ASN A 72 -6.75 -21.12 0.57
CA ASN A 72 -8.07 -21.72 0.78
C ASN A 72 -8.22 -23.12 0.20
N ASN A 73 -7.16 -23.64 -0.41
CA ASN A 73 -7.18 -24.99 -0.96
C ASN A 73 -6.47 -25.89 0.04
N ARG A 74 -5.89 -25.25 1.05
CA ARG A 74 -5.16 -25.95 2.09
C ARG A 74 -5.59 -25.35 3.43
N ILE A 75 -5.01 -25.86 4.51
CA ILE A 75 -5.29 -25.35 5.84
C ILE A 75 -4.02 -25.42 6.64
N GLY A 76 -3.85 -24.49 7.58
CA GLY A 76 -2.64 -24.49 8.37
C GLY A 76 -2.06 -23.09 8.45
N ASN A 77 -0.98 -22.97 9.22
CA ASN A 77 -0.27 -21.72 9.47
C ASN A 77 0.48 -21.19 8.25
N ASN A 78 -0.10 -20.17 7.64
CA ASN A 78 0.45 -19.52 6.46
C ASN A 78 1.30 -18.33 6.87
N THR A 79 2.58 -18.42 6.55
CA THR A 79 3.54 -17.37 6.87
C THR A 79 4.45 -17.15 5.66
N ARG A 81 7.80 -14.52 3.97
CA ARG A 81 8.86 -13.55 4.24
C ARG A 81 8.43 -12.16 3.78
N TYR A 82 8.95 -11.15 4.47
CA TYR A 82 8.71 -9.76 4.15
C TYR A 82 10.14 -9.21 4.03
N PHE A 83 10.48 -8.66 2.88
CA PHE A 83 11.83 -8.15 2.64
C PHE A 83 11.95 -6.64 2.63
N PRO A 84 12.46 -6.04 3.72
CA PRO A 84 12.63 -4.60 3.85
C PRO A 84 13.51 -3.98 2.77
N ASP A 85 14.44 -4.76 2.23
CA ASP A 85 15.33 -4.26 1.19
C ASP A 85 15.51 -5.27 0.08
N LEU A 86 16.00 -4.80 -1.06
CA LEU A 86 16.20 -5.67 -2.22
C LEU A 86 17.17 -6.81 -1.93
N SER A 87 18.26 -6.52 -1.22
CA SER A 87 19.24 -7.55 -0.92
C SER A 87 18.64 -8.72 -0.15
N SER A 88 17.79 -8.44 0.84
CA SER A 88 17.18 -9.52 1.59
C SER A 88 16.27 -10.34 0.68
N PHE A 89 15.60 -9.67 -0.26
CA PHE A 89 14.72 -10.34 -1.21
C PHE A 89 15.54 -11.27 -2.09
N GLN A 90 16.71 -10.79 -2.51
CA GLN A 90 17.57 -11.58 -3.38
C GLN A 90 18.30 -12.72 -2.67
N SER A 91 18.21 -12.78 -1.35
CA SER A 91 18.85 -13.87 -0.63
C SER A 91 18.00 -15.14 -0.85
N ILE A 92 16.73 -14.93 -1.20
CA ILE A 92 15.81 -16.03 -1.45
C ILE A 92 15.52 -16.16 -2.95
N TYR A 93 15.16 -15.04 -3.57
CA TYR A 93 14.89 -15.02 -5.00
C TYR A 93 16.14 -14.43 -5.66
N THR A 94 17.16 -15.28 -5.80
CA THR A 94 18.44 -14.87 -6.37
C THR A 94 18.38 -14.26 -7.76
N GLU A 95 17.29 -14.48 -8.48
CA GLU A 95 17.16 -13.92 -9.82
C GLU A 95 16.15 -12.77 -9.88
N GLY A 96 15.60 -12.39 -8.74
CA GLY A 96 14.61 -11.32 -8.74
C GLY A 96 15.17 -9.92 -8.90
N ASP A 97 14.42 -9.05 -9.58
CA ASP A 97 14.86 -7.69 -9.76
C ASP A 97 14.03 -6.74 -8.89
N PHE A 98 14.30 -5.45 -9.01
CA PHE A 98 13.61 -4.44 -8.21
C PHE A 98 12.08 -4.47 -8.35
N ILE A 99 11.58 -4.51 -9.57
CA ILE A 99 10.13 -4.51 -9.78
C ILE A 99 9.48 -5.77 -9.20
N GLU A 100 10.15 -6.91 -9.37
CA GLU A 100 9.63 -8.17 -8.82
C GLU A 100 9.53 -8.04 -7.31
N TRP A 101 10.55 -7.44 -6.70
CA TRP A 101 10.58 -7.23 -5.26
C TRP A 101 9.43 -6.31 -4.80
N LYS A 102 9.21 -5.20 -5.50
CA LYS A 102 8.14 -4.29 -5.10
C LYS A 102 6.76 -4.94 -5.24
N ILE A 103 6.58 -5.73 -6.28
CA ILE A 103 5.29 -6.41 -6.48
C ILE A 103 5.10 -7.40 -5.34
N TYR A 104 6.14 -8.17 -5.04
CA TYR A 104 6.08 -9.14 -3.95
C TYR A 104 5.70 -8.48 -2.62
N GLN A 105 6.40 -7.39 -2.31
CA GLN A 105 6.17 -6.65 -1.07
C GLN A 105 4.76 -6.10 -0.99
N SER A 106 4.25 -5.60 -2.12
CA SER A 106 2.90 -5.06 -2.16
C SER A 106 1.90 -6.17 -1.83
N VAL A 107 2.13 -7.34 -2.40
CA VAL A 107 1.27 -8.50 -2.18
C VAL A 107 1.37 -8.99 -0.73
N ALA A 108 2.59 -9.10 -0.23
CA ALA A 108 2.80 -9.54 1.15
C ALA A 108 2.10 -8.60 2.13
N ALA A 109 2.26 -7.30 1.92
CA ALA A 109 1.62 -6.34 2.82
C ALA A 109 0.10 -6.45 2.78
N GLU A 110 -0.47 -6.61 1.59
CA GLU A 110 -1.92 -6.72 1.48
C GLU A 110 -2.44 -7.98 2.16
N LEU A 111 -1.77 -9.11 1.92
CA LEU A 111 -2.19 -10.37 2.52
C LEU A 111 -2.17 -10.30 4.04
N PHE A 112 -1.16 -9.61 4.59
CA PHE A 112 -1.09 -9.46 6.03
C PHE A 112 -2.22 -8.56 6.53
N ALA A 113 -2.52 -7.52 5.75
CA ALA A 113 -3.58 -6.58 6.11
C ALA A 113 -4.94 -7.27 6.10
N HIS A 114 -5.08 -8.33 5.29
CA HIS A 114 -6.34 -9.06 5.22
C HIS A 114 -6.36 -10.23 6.20
N ASP A 115 -5.32 -10.35 7.02
CA ASP A 115 -5.23 -11.45 7.98
C ASP A 115 -5.10 -12.81 7.33
N LEU A 116 -4.52 -12.86 6.13
CA LEU A 116 -4.38 -14.14 5.44
C LEU A 116 -2.98 -14.73 5.61
N GLU A 117 -2.02 -13.90 5.98
CA GLU A 117 -0.65 -14.35 6.17
C GLU A 117 0.03 -13.62 7.31
N ARG A 118 0.95 -14.31 7.99
CA ARG A 118 1.74 -13.68 9.03
C ARG A 118 3.05 -13.43 8.28
N LEU A 119 3.85 -12.48 8.75
CA LEU A 119 5.11 -12.17 8.08
C LEU A 119 6.31 -12.57 8.91
N CYS A 120 7.37 -13.05 8.25
CA CYS A 120 8.57 -13.48 8.96
C CYS A 120 9.84 -13.04 8.23
N ALA B 1 1.33 -15.66 17.73
CA ALA B 1 2.58 -14.94 17.98
C ALA B 1 2.32 -13.44 18.01
N ASN B 4 5.32 -8.73 15.04
CA ASN B 4 6.77 -8.54 14.98
C ASN B 4 7.16 -7.31 14.16
N ALA B 5 8.47 -7.06 14.11
CA ALA B 5 9.03 -5.92 13.41
C ALA B 5 8.61 -5.82 11.94
N LEU B 6 8.56 -6.96 11.27
CA LEU B 6 8.19 -6.97 9.86
C LEU B 6 6.73 -6.62 9.62
N GLU B 7 5.86 -7.04 10.53
CA GLU B 7 4.46 -6.74 10.38
C GLU B 7 4.23 -5.27 10.69
N LEU B 8 5.06 -4.72 11.58
CA LEU B 8 4.94 -3.30 11.93
C LEU B 8 5.34 -2.46 10.70
N GLN B 9 6.42 -2.86 10.04
CA GLN B 9 6.87 -2.16 8.83
C GLN B 9 5.81 -2.28 7.73
N ALA B 10 5.24 -3.47 7.60
CA ALA B 10 4.22 -3.72 6.58
C ALA B 10 3.01 -2.81 6.75
N LEU B 11 2.54 -2.65 7.99
CA LEU B 11 1.39 -1.79 8.24
C LEU B 11 1.73 -0.33 8.01
N ARG B 12 2.93 0.10 8.42
CA ARG B 12 3.28 1.50 8.21
C ARG B 12 3.25 1.81 6.72
N ARG B 13 3.77 0.89 5.91
CA ARG B 13 3.79 1.13 4.47
C ARG B 13 2.45 0.97 3.80
N ILE B 14 1.59 0.07 4.28
CA ILE B 14 0.30 -0.04 3.61
C ILE B 14 -0.56 1.19 3.93
N PHE B 15 -0.26 1.86 5.03
CA PHE B 15 -0.99 3.07 5.39
C PHE B 15 -0.24 4.31 4.86
N ASP B 16 0.84 4.06 4.13
CA ASP B 16 1.65 5.12 3.54
C ASP B 16 1.99 6.24 4.53
N THR B 18 5.05 7.94 7.25
CA THR B 18 6.47 8.01 7.56
C THR B 18 6.59 7.67 9.04
N ILE B 19 7.80 7.33 9.48
CA ILE B 19 7.99 7.01 10.88
C ILE B 19 7.60 8.20 11.77
N GLU B 20 7.96 9.41 11.32
CA GLU B 20 7.63 10.61 12.07
C GLU B 20 6.11 10.72 12.26
N GLU B 21 5.36 10.47 11.19
CA GLU B 21 3.91 10.55 11.29
C GLU B 21 3.39 9.50 12.28
N CYS B 22 4.02 8.33 12.31
CA CYS B 22 3.60 7.28 13.24
C CYS B 22 3.86 7.70 14.68
N THR B 23 4.94 8.45 14.92
CA THR B 23 5.25 8.87 16.28
C THR B 23 4.31 9.98 16.74
N ILE B 24 3.78 10.75 15.81
CA ILE B 24 2.87 11.84 16.14
C ILE B 24 1.42 11.34 16.29
N TYR B 25 0.97 10.56 15.32
CA TYR B 25 -0.41 10.09 15.29
C TYR B 25 -0.75 8.71 15.84
N ILE B 26 0.24 7.84 16.03
CA ILE B 26 -0.05 6.52 16.56
C ILE B 26 0.44 6.37 18.00
N THR B 27 1.74 6.54 18.22
CA THR B 27 2.26 6.45 19.58
C THR B 27 2.05 7.77 20.32
N GLN B 28 2.15 8.87 19.56
CA GLN B 28 2.02 10.21 20.11
C GLN B 28 3.17 10.51 21.07
N ASP B 29 4.29 9.82 20.89
CA ASP B 29 5.46 10.03 21.74
C ASP B 29 6.54 10.88 21.08
N ASN B 30 6.30 11.27 19.83
CA ASN B 30 7.25 12.09 19.08
C ASN B 30 8.68 11.56 19.14
N ASN B 31 8.84 10.24 19.24
CA ASN B 31 10.18 9.67 19.32
C ASN B 31 10.42 8.62 18.24
N SER B 32 11.05 9.03 17.15
CA SER B 32 11.35 8.14 16.03
C SER B 32 12.30 7.02 16.40
N ALA B 33 13.20 7.30 17.35
CA ALA B 33 14.18 6.30 17.77
C ALA B 33 13.47 5.05 18.28
N THR B 34 12.43 5.24 19.08
CA THR B 34 11.68 4.11 19.62
C THR B 34 11.03 3.29 18.51
N TRP B 35 10.41 3.96 17.56
CA TRP B 35 9.75 3.28 16.46
C TRP B 35 10.78 2.58 15.56
N GLN B 36 11.90 3.25 15.31
CA GLN B 36 12.96 2.67 14.48
C GLN B 36 13.49 1.38 15.11
N ARG B 37 13.63 1.37 16.44
CA ARG B 37 14.12 0.18 17.12
C ARG B 37 13.11 -0.95 17.00
N TRP B 38 11.83 -0.60 16.97
CA TRP B 38 10.78 -1.61 16.84
C TRP B 38 10.83 -2.23 15.43
N GLU B 39 11.04 -1.40 14.42
CA GLU B 39 11.09 -1.89 13.04
C GLU B 39 12.39 -2.64 12.76
N ALA B 40 13.42 -2.36 13.57
CA ALA B 40 14.70 -3.04 13.41
C ALA B 40 14.68 -4.37 14.15
N GLY B 41 13.64 -4.58 14.96
CA GLY B 41 13.53 -5.80 15.72
C GLY B 41 14.40 -5.84 16.96
N ASP B 42 14.93 -4.68 17.36
CA ASP B 42 15.79 -4.60 18.54
C ASP B 42 15.01 -4.68 19.85
N ILE B 43 13.79 -4.16 19.84
CA ILE B 43 12.93 -4.13 21.01
C ILE B 43 11.53 -4.56 20.63
N PRO B 44 10.89 -5.39 21.46
CA PRO B 44 9.53 -5.80 21.09
C PRO B 44 8.60 -4.59 21.13
N ILE B 45 7.56 -4.62 20.29
CA ILE B 45 6.63 -3.52 20.21
C ILE B 45 5.72 -3.45 21.44
N SER B 46 5.49 -2.23 21.94
CA SER B 46 4.63 -2.03 23.09
C SER B 46 3.25 -2.60 22.82
N PRO B 47 2.75 -3.46 23.74
CA PRO B 47 1.43 -4.07 23.55
C PRO B 47 0.31 -3.08 23.28
N GLU B 48 0.41 -1.90 23.89
CA GLU B 48 -0.60 -0.87 23.70
C GLU B 48 -0.66 -0.44 22.24
N ILE B 49 0.53 -0.26 21.65
CA ILE B 49 0.65 0.16 20.26
C ILE B 49 0.22 -0.97 19.31
N ILE B 50 0.55 -2.21 19.66
CA ILE B 50 0.13 -3.34 18.83
C ILE B 50 -1.38 -3.31 18.73
N ALA B 51 -2.05 -3.08 19.85
CA ALA B 51 -3.51 -3.02 19.90
C ALA B 51 -4.04 -1.93 18.98
N ARG B 52 -3.44 -0.75 19.05
CA ARG B 52 -3.86 0.36 18.20
C ARG B 52 -3.70 0.02 16.72
N LEU B 53 -2.60 -0.64 16.39
CA LEU B 53 -2.33 -1.02 15.01
C LEU B 53 -3.34 -2.05 14.52
N LYS B 54 -3.71 -2.98 15.39
CA LYS B 54 -4.67 -3.99 15.00
C LYS B 54 -6.05 -3.38 14.79
N GLU B 55 -6.36 -2.30 15.51
CA GLU B 55 -7.64 -1.65 15.34
C GLU B 55 -7.69 -0.93 14.00
N LYS B 57 -6.02 -1.84 11.41
CA LYS B 57 -6.08 -2.94 10.46
C LYS B 57 -7.53 -3.42 10.34
N ALA B 58 -8.23 -3.49 11.47
CA ALA B 58 -9.62 -3.91 11.49
C ALA B 58 -10.51 -2.87 10.82
N ARG B 59 -10.26 -1.59 11.09
CA ARG B 59 -11.07 -0.53 10.47
C ARG B 59 -10.89 -0.58 8.95
N ARG B 60 -9.66 -0.79 8.52
CA ARG B 60 -9.35 -0.85 7.09
C ARG B 60 -10.14 -1.98 6.43
N GLN B 61 -10.08 -3.17 7.01
CA GLN B 61 -10.79 -4.31 6.44
C GLN B 61 -12.30 -4.11 6.44
N ARG B 62 -12.81 -3.44 7.47
CA ARG B 62 -14.25 -3.20 7.52
C ARG B 62 -14.67 -2.26 6.39
N ARG B 63 -13.88 -1.20 6.16
CA ARG B 63 -14.22 -0.27 5.10
C ARG B 63 -14.13 -0.93 3.72
N ILE B 64 -13.16 -1.82 3.53
CA ILE B 64 -13.02 -2.52 2.26
C ILE B 64 -14.21 -3.44 2.02
N ASN B 65 -14.53 -4.24 3.03
CA ASN B 65 -15.65 -5.17 2.89
C ASN B 65 -16.96 -4.44 2.63
N ALA B 66 -17.20 -3.34 3.34
CA ALA B 66 -18.43 -2.58 3.17
C ALA B 66 -18.61 -2.07 1.75
N ILE B 67 -17.52 -1.57 1.16
CA ILE B 67 -17.56 -1.06 -0.20
C ILE B 67 -17.74 -2.17 -1.23
N VAL B 68 -16.86 -3.16 -1.19
CA VAL B 68 -16.92 -4.27 -2.13
C VAL B 68 -18.27 -4.98 -2.09
N ASP B 69 -18.86 -5.08 -0.91
CA ASP B 69 -20.14 -5.74 -0.75
C ASP B 69 -21.30 -5.05 -1.49
N LYS B 70 -21.19 -3.74 -1.71
CA LYS B 70 -22.25 -3.01 -2.40
C LYS B 70 -21.90 -2.57 -3.81
N ILE B 71 -20.74 -2.99 -4.31
CA ILE B 71 -20.32 -2.60 -5.66
C ILE B 71 -21.34 -2.97 -6.73
N ASN B 72 -21.80 -4.21 -6.72
CA ASN B 72 -22.76 -4.67 -7.73
C ASN B 72 -24.08 -3.90 -7.75
N ASN B 73 -24.47 -3.31 -6.63
CA ASN B 73 -25.73 -2.58 -6.58
C ASN B 73 -25.59 -1.07 -6.71
N ARG B 74 -24.36 -0.60 -6.91
CA ARG B 74 -24.14 0.82 -7.04
C ARG B 74 -24.62 1.38 -8.37
N ILE B 75 -25.28 2.54 -8.30
CA ILE B 75 -25.79 3.20 -9.50
C ILE B 75 -24.70 4.11 -10.07
N GLY B 76 -24.44 3.96 -11.37
CA GLY B 76 -23.43 4.79 -11.99
C GLY B 76 -22.05 4.16 -11.99
N ASN B 77 -21.06 4.90 -12.47
CA ASN B 77 -19.70 4.39 -12.52
C ASN B 77 -19.09 4.17 -11.15
N ASN B 78 -18.30 3.11 -11.04
CA ASN B 78 -17.63 2.79 -9.78
C ASN B 78 -16.39 3.67 -9.65
N THR B 79 -16.59 4.89 -9.16
CA THR B 79 -15.50 5.84 -8.96
C THR B 79 -15.38 6.14 -7.49
N ARG B 81 -13.21 8.93 -4.73
CA ARG B 81 -12.32 10.08 -4.60
C ARG B 81 -10.99 9.65 -4.01
N TYR B 82 -9.91 10.26 -4.49
CA TYR B 82 -8.57 9.99 -3.98
C TYR B 82 -8.12 11.36 -3.47
N PHE B 83 -7.77 11.44 -2.19
CA PHE B 83 -7.37 12.71 -1.59
C PHE B 83 -5.87 12.83 -1.31
N PRO B 84 -5.17 13.66 -2.10
CA PRO B 84 -3.72 13.89 -2.00
C PRO B 84 -3.26 14.45 -0.66
N ASP B 85 -4.10 15.23 -0.01
CA ASP B 85 -3.76 15.79 1.29
C ASP B 85 -4.95 15.77 2.23
N LEU B 86 -4.68 15.88 3.52
CA LEU B 86 -5.70 15.87 4.54
C LEU B 86 -6.79 16.92 4.32
N SER B 87 -6.38 18.12 3.90
CA SER B 87 -7.33 19.20 3.66
C SER B 87 -8.40 18.84 2.60
N SER B 88 -7.97 18.22 1.52
CA SER B 88 -8.93 17.84 0.48
C SER B 88 -9.85 16.75 1.01
N PHE B 89 -9.31 15.87 1.85
CA PHE B 89 -10.10 14.79 2.44
C PHE B 89 -11.22 15.40 3.30
N GLN B 90 -10.86 16.43 4.06
CA GLN B 90 -11.80 17.09 4.95
C GLN B 90 -12.86 17.94 4.23
N SER B 91 -12.68 18.19 2.94
CA SER B 91 -13.68 18.97 2.20
C SER B 91 -14.93 18.11 2.03
N ILE B 92 -14.76 16.79 2.16
CA ILE B 92 -15.86 15.84 2.04
C ILE B 92 -16.20 15.29 3.43
N TYR B 93 -15.19 14.77 4.13
CA TYR B 93 -15.38 14.25 5.48
C TYR B 93 -14.90 15.38 6.39
N THR B 94 -15.80 16.32 6.67
CA THR B 94 -15.48 17.48 7.48
C THR B 94 -14.95 17.20 8.88
N GLU B 95 -15.27 16.03 9.43
CA GLU B 95 -14.78 15.68 10.76
C GLU B 95 -13.58 14.73 10.65
N GLY B 96 -13.15 14.47 9.43
CA GLY B 96 -12.04 13.56 9.20
C GLY B 96 -10.71 13.95 9.84
N ASP B 97 -10.02 12.96 10.39
CA ASP B 97 -8.73 13.20 11.02
C ASP B 97 -7.64 12.48 10.22
N PHE B 98 -6.39 12.71 10.62
CA PHE B 98 -5.23 12.14 9.94
C PHE B 98 -5.29 10.63 9.73
N ILE B 99 -5.63 9.89 10.79
CA ILE B 99 -5.69 8.44 10.71
C ILE B 99 -6.80 7.94 9.79
N GLU B 100 -7.98 8.54 9.87
CA GLU B 100 -9.09 8.15 9.01
C GLU B 100 -8.69 8.38 7.55
N TRP B 101 -7.99 9.48 7.31
CA TRP B 101 -7.53 9.83 5.97
C TRP B 101 -6.55 8.77 5.43
N LYS B 102 -5.55 8.42 6.23
CA LYS B 102 -4.57 7.43 5.79
C LYS B 102 -5.21 6.07 5.53
N ILE B 103 -6.16 5.70 6.38
CA ILE B 103 -6.87 4.43 6.20
C ILE B 103 -7.70 4.47 4.92
N TYR B 104 -8.39 5.60 4.71
CA TYR B 104 -9.22 5.76 3.52
C TYR B 104 -8.37 5.65 2.26
N GLN B 105 -7.24 6.36 2.24
CA GLN B 105 -6.34 6.35 1.08
C GLN B 105 -5.82 4.95 0.78
N SER B 106 -5.52 4.19 1.84
CA SER B 106 -5.03 2.82 1.69
C SER B 106 -6.10 1.97 1.01
N VAL B 107 -7.34 2.12 1.46
CA VAL B 107 -8.47 1.39 0.90
C VAL B 107 -8.69 1.77 -0.56
N ALA B 108 -8.66 3.07 -0.85
CA ALA B 108 -8.86 3.54 -2.22
C ALA B 108 -7.80 2.96 -3.17
N ALA B 109 -6.54 3.00 -2.73
CA ALA B 109 -5.46 2.48 -3.57
C ALA B 109 -5.64 0.98 -3.82
N GLU B 110 -6.04 0.23 -2.80
CA GLU B 110 -6.23 -1.20 -2.99
C GLU B 110 -7.35 -1.51 -3.96
N LEU B 111 -8.48 -0.83 -3.81
CA LEU B 111 -9.61 -1.07 -4.71
C LEU B 111 -9.25 -0.74 -6.14
N PHE B 112 -8.41 0.27 -6.33
CA PHE B 112 -8.00 0.62 -7.68
C PHE B 112 -7.07 -0.46 -8.22
N ALA B 113 -6.18 -0.97 -7.36
CA ALA B 113 -5.22 -1.99 -7.75
C ALA B 113 -5.97 -3.24 -8.20
N HIS B 114 -7.10 -3.49 -7.55
CA HIS B 114 -7.94 -4.64 -7.85
C HIS B 114 -8.92 -4.37 -8.99
N ASP B 115 -8.82 -3.19 -9.60
CA ASP B 115 -9.71 -2.81 -10.70
C ASP B 115 -11.18 -2.79 -10.31
N LEU B 116 -11.47 -2.41 -9.08
CA LEU B 116 -12.85 -2.34 -8.62
C LEU B 116 -13.36 -0.90 -8.59
N GLU B 117 -12.45 0.06 -8.60
CA GLU B 117 -12.84 1.47 -8.58
C GLU B 117 -11.87 2.29 -9.42
N ARG B 118 -12.38 3.35 -10.03
CA ARG B 118 -11.56 4.27 -10.78
C ARG B 118 -11.42 5.44 -9.80
N LEU B 119 -10.30 6.15 -9.83
CA LEU B 119 -10.10 7.26 -8.90
C LEU B 119 -10.30 8.63 -9.52
N CYS B 120 -10.88 9.54 -8.74
CA CYS B 120 -11.13 10.90 -9.20
C CYS B 120 -10.88 11.93 -8.08
#